data_3GW7
#
_entry.id   3GW7
#
_cell.length_a   99.408
_cell.length_b   99.408
_cell.length_c   130.629
_cell.angle_alpha   90.000
_cell.angle_beta   90.000
_cell.angle_gamma   120.000
#
_symmetry.space_group_name_H-M   'P 63'
#
loop_
_entity.id
_entity.type
_entity.pdbx_description
1 polymer 'Uncharacterized protein yedJ'
2 non-polymer 'NICKEL (II) ION'
#
_entity_poly.entity_id   1
_entity_poly.type   'polypeptide(L)'
_entity_poly.pdbx_seq_one_letter_code
;MDLQHWQAQFENWLKNHHQHQDAAHDVCHFRRVWATAQKLAADDDVDMLVILTACYFHDIVSLAKNHPQRQRSSILAAEE
TRRLLREEFEQFPAEKIEAVCHAIAAHSFSAQIAPLTTEAKIVQDADRLEALGAIGLARVFAVSGALGVALFDGEDPFAQ
HRPLDDKRYALDHFQTKLLKLPQTMQTARGKQLAQHNAHFLVEFMAKLSAELAGENEGVDHKVIDAFSSAGLEHHHHHH
;
_entity_poly.pdbx_strand_id   A,B
#
# COMPACT_ATOMS: atom_id res chain seq x y z
N GLN A 4 -15.19 34.24 15.38
CA GLN A 4 -13.92 34.45 14.62
C GLN A 4 -12.77 33.68 15.27
N HIS A 5 -13.03 33.14 16.46
CA HIS A 5 -12.04 32.33 17.19
C HIS A 5 -12.24 30.89 16.74
N TRP A 6 -12.96 30.74 15.64
CA TRP A 6 -13.28 29.44 15.06
C TRP A 6 -12.27 29.08 13.96
N GLN A 7 -11.73 30.10 13.31
CA GLN A 7 -10.75 29.92 12.25
C GLN A 7 -9.39 30.47 12.69
N ALA A 8 -9.43 31.51 13.52
CA ALA A 8 -8.20 32.13 14.01
C ALA A 8 -7.34 31.16 14.84
N GLN A 9 -7.97 30.42 15.76
CA GLN A 9 -7.27 29.48 16.62
C GLN A 9 -6.56 28.36 15.86
N PHE A 10 -6.65 28.40 14.53
CA PHE A 10 -5.99 27.39 13.72
C PHE A 10 -4.50 27.53 14.08
N GLU A 11 -4.14 28.72 14.55
CA GLU A 11 -2.77 29.00 14.98
C GLU A 11 -2.53 28.24 16.27
N ASN A 12 -2.84 26.95 16.21
CA ASN A 12 -2.66 26.06 17.34
C ASN A 12 -1.22 25.55 17.16
N TRP A 13 -1.03 24.52 16.34
CA TRP A 13 0.32 23.98 16.11
C TRP A 13 0.98 24.84 15.03
N LEU A 14 0.20 25.78 14.51
CA LEU A 14 0.69 26.68 13.49
C LEU A 14 1.60 27.73 14.14
N LYS A 15 2.27 27.28 15.21
CA LYS A 15 3.19 28.11 15.98
C LYS A 15 3.43 27.38 17.31
N ASN A 16 4.21 26.30 17.26
CA ASN A 16 4.53 25.50 18.42
C ASN A 16 5.96 24.94 18.30
N HIS A 17 6.05 23.62 18.08
CA HIS A 17 7.32 22.91 17.92
C HIS A 17 8.49 23.48 18.72
N VAL A 27 1.19 15.42 12.13
CA VAL A 27 1.33 16.88 12.05
C VAL A 27 0.41 17.47 10.96
N CYS A 28 0.25 16.75 9.86
CA CYS A 28 -0.64 17.19 8.77
C CYS A 28 -1.87 16.26 8.91
N HIS A 29 -1.60 15.12 9.56
CA HIS A 29 -2.59 14.08 9.87
C HIS A 29 -3.78 14.74 10.55
N PHE A 30 -3.50 15.79 11.29
CA PHE A 30 -4.52 16.53 12.02
C PHE A 30 -5.37 17.38 11.08
N ARG A 31 -4.71 18.07 10.15
CA ARG A 31 -5.34 18.94 9.16
C ARG A 31 -6.55 18.26 8.52
N ARG A 32 -6.37 16.97 8.22
CA ARG A 32 -7.39 16.11 7.59
C ARG A 32 -8.43 15.65 8.61
N VAL A 33 -7.96 15.14 9.76
CA VAL A 33 -8.87 14.66 10.76
C VAL A 33 -9.90 15.72 11.08
N TRP A 34 -9.47 16.97 11.29
CA TRP A 34 -10.44 18.01 11.60
C TRP A 34 -11.44 18.06 10.42
N ALA A 35 -10.91 18.11 9.20
CA ALA A 35 -11.73 18.18 8.01
C ALA A 35 -12.90 17.19 7.99
N THR A 36 -12.62 15.93 8.32
CA THR A 36 -13.64 14.89 8.32
C THR A 36 -14.36 14.81 9.65
N ALA A 37 -13.72 15.37 10.68
CA ALA A 37 -14.26 15.42 12.05
C ALA A 37 -15.41 16.42 12.12
N GLN A 38 -15.37 17.42 11.25
CA GLN A 38 -16.39 18.44 11.19
C GLN A 38 -17.56 17.86 10.43
N LYS A 39 -17.29 17.10 9.38
CA LYS A 39 -18.36 16.51 8.58
C LYS A 39 -19.17 15.51 9.37
N LEU A 40 -18.55 14.92 10.39
CA LEU A 40 -19.21 13.93 11.24
C LEU A 40 -20.26 14.52 12.18
N ALA A 41 -19.99 15.74 12.64
CA ALA A 41 -20.88 16.47 13.54
C ALA A 41 -21.42 17.70 12.86
N ALA A 42 -21.81 17.56 11.61
CA ALA A 42 -22.35 18.67 10.85
C ALA A 42 -23.79 18.96 11.25
N ASP A 43 -24.03 20.19 11.73
CA ASP A 43 -25.38 20.62 12.14
C ASP A 43 -26.00 19.73 13.22
N ASP A 44 -25.24 19.49 14.30
CA ASP A 44 -25.67 18.67 15.44
C ASP A 44 -25.55 19.46 16.75
N ASP A 45 -24.84 20.59 16.69
CA ASP A 45 -24.62 21.47 17.83
C ASP A 45 -24.09 20.66 19.02
N VAL A 46 -22.82 20.30 18.97
CA VAL A 46 -22.19 19.52 20.02
C VAL A 46 -21.09 20.32 20.71
N ASP A 47 -20.10 20.75 19.94
CA ASP A 47 -18.98 21.54 20.44
C ASP A 47 -17.78 21.54 19.50
N MET A 48 -18.01 21.95 18.25
CA MET A 48 -16.94 21.98 17.25
C MET A 48 -15.90 23.05 17.62
N LEU A 49 -15.38 22.96 18.84
CA LEU A 49 -14.40 23.92 19.33
C LEU A 49 -13.37 23.18 20.18
N VAL A 50 -13.86 22.17 20.91
CA VAL A 50 -13.01 21.32 21.77
C VAL A 50 -12.52 20.15 20.94
N ILE A 51 -13.43 19.58 20.15
CA ILE A 51 -13.12 18.44 19.29
C ILE A 51 -11.85 18.76 18.51
N LEU A 52 -11.68 20.05 18.18
CA LEU A 52 -10.53 20.53 17.41
C LEU A 52 -9.19 20.32 18.10
N THR A 53 -9.08 20.86 19.31
CA THR A 53 -7.84 20.74 20.06
C THR A 53 -7.62 19.25 20.32
N ALA A 54 -8.73 18.53 20.39
CA ALA A 54 -8.70 17.09 20.63
C ALA A 54 -7.89 16.41 19.53
N CYS A 55 -8.33 16.59 18.29
CA CYS A 55 -7.64 15.97 17.19
C CYS A 55 -6.34 16.67 16.79
N TYR A 56 -6.09 17.84 17.37
CA TYR A 56 -4.87 18.59 17.07
C TYR A 56 -3.67 18.30 17.96
N PHE A 57 -3.84 17.42 18.94
CA PHE A 57 -2.76 17.08 19.87
C PHE A 57 -2.65 15.62 20.26
N HIS A 58 -3.66 14.81 19.95
CA HIS A 58 -3.63 13.40 20.33
C HIS A 58 -2.33 12.64 20.03
N ASP A 59 -1.43 13.28 19.28
CA ASP A 59 -0.15 12.67 18.92
C ASP A 59 1.06 13.30 19.62
N ILE A 60 0.89 14.50 20.18
CA ILE A 60 2.00 15.18 20.84
C ILE A 60 2.51 14.44 22.07
N VAL A 61 1.88 13.30 22.38
CA VAL A 61 2.26 12.50 23.54
C VAL A 61 2.43 11.00 23.19
N SER A 62 2.97 10.73 22.00
CA SER A 62 3.16 9.36 21.51
C SER A 62 2.02 8.43 21.91
N GLN A 71 0.73 -0.16 25.83
CA GLN A 71 -0.64 0.32 25.81
C GLN A 71 -0.82 1.52 26.72
N ARG A 72 0.29 2.09 27.18
CA ARG A 72 0.25 3.25 28.05
C ARG A 72 0.79 4.43 27.26
N SER A 73 -0.09 5.30 26.77
CA SER A 73 0.35 6.46 26.01
C SER A 73 -0.77 7.43 25.69
N SER A 74 -2.01 6.95 25.76
CA SER A 74 -3.16 7.80 25.49
C SER A 74 -3.61 8.50 26.75
N ILE A 75 -3.54 7.80 27.88
CA ILE A 75 -3.93 8.35 29.18
C ILE A 75 -3.00 9.51 29.50
N LEU A 76 -1.79 9.46 28.96
CA LEU A 76 -0.80 10.50 29.17
C LEU A 76 -0.91 11.57 28.08
N ALA A 77 -1.61 11.24 27.00
CA ALA A 77 -1.80 12.19 25.90
C ALA A 77 -2.62 13.37 26.40
N ALA A 78 -3.40 13.15 27.46
CA ALA A 78 -4.25 14.17 28.05
C ALA A 78 -3.60 14.76 29.31
N GLU A 79 -2.78 13.95 29.97
CA GLU A 79 -2.06 14.39 31.15
C GLU A 79 -0.87 15.21 30.69
N GLU A 80 -0.74 15.31 29.38
CA GLU A 80 0.34 16.07 28.74
C GLU A 80 -0.25 17.26 28.00
N THR A 81 -1.31 17.01 27.24
CA THR A 81 -1.95 18.06 26.46
C THR A 81 -2.67 19.08 27.34
N ARG A 82 -2.94 18.70 28.60
CA ARG A 82 -3.62 19.60 29.53
C ARG A 82 -2.67 20.66 30.07
N ARG A 83 -1.45 20.24 30.40
CA ARG A 83 -0.41 21.13 30.91
C ARG A 83 0.05 22.07 29.79
N LEU A 84 0.27 21.51 28.61
CA LEU A 84 0.71 22.26 27.44
C LEU A 84 -0.39 23.23 26.99
N LEU A 85 -1.65 22.85 27.22
CA LEU A 85 -2.78 23.68 26.85
C LEU A 85 -2.66 25.01 27.57
N ARG A 86 -2.13 24.96 28.79
CA ARG A 86 -1.94 26.17 29.61
C ARG A 86 -0.78 26.99 29.04
N GLU A 87 -0.90 27.39 27.78
CA GLU A 87 0.12 28.19 27.11
C GLU A 87 -0.54 29.12 26.11
N GLU A 88 -1.16 28.54 25.09
CA GLU A 88 -1.87 29.31 24.07
C GLU A 88 -3.39 29.23 24.32
N PHE A 89 -3.82 28.15 24.96
CA PHE A 89 -5.23 27.91 25.29
C PHE A 89 -5.56 28.73 26.55
N GLU A 90 -4.65 29.64 26.88
CA GLU A 90 -4.76 30.52 28.03
C GLU A 90 -5.92 31.49 27.84
N GLN A 91 -6.16 31.89 26.60
CA GLN A 91 -7.25 32.82 26.30
C GLN A 91 -8.66 32.28 26.54
N PHE A 92 -8.91 31.03 26.14
CA PHE A 92 -10.24 30.44 26.31
C PHE A 92 -10.29 28.98 26.76
N PRO A 93 -10.13 28.73 28.06
CA PRO A 93 -10.19 27.35 28.56
C PRO A 93 -11.63 27.02 28.99
N ALA A 94 -12.08 27.64 30.08
CA ALA A 94 -13.43 27.41 30.61
C ALA A 94 -13.64 25.93 30.91
N GLU A 95 -14.89 25.47 30.84
CA GLU A 95 -15.23 24.06 31.09
C GLU A 95 -14.65 23.25 29.92
N LYS A 96 -14.48 23.94 28.80
CA LYS A 96 -13.93 23.36 27.58
C LYS A 96 -12.43 23.13 27.72
N ILE A 97 -12.03 22.16 28.54
CA ILE A 97 -10.62 21.86 28.72
C ILE A 97 -10.56 20.51 29.39
N GLU A 98 -11.70 20.10 29.95
CA GLU A 98 -11.83 18.81 30.60
C GLU A 98 -12.35 17.84 29.55
N ALA A 99 -12.92 18.40 28.48
CA ALA A 99 -13.45 17.64 27.36
C ALA A 99 -12.32 17.37 26.39
N VAL A 100 -11.36 18.29 26.37
CA VAL A 100 -10.18 18.17 25.52
C VAL A 100 -9.21 17.23 26.22
N CYS A 101 -9.66 16.61 27.31
CA CYS A 101 -8.82 15.67 28.02
C CYS A 101 -9.38 14.26 27.96
N HIS A 102 -10.60 14.12 27.44
CA HIS A 102 -11.21 12.81 27.28
C HIS A 102 -11.04 12.45 25.82
N ALA A 103 -11.29 13.41 24.94
CA ALA A 103 -11.12 13.17 23.52
C ALA A 103 -9.69 12.73 23.31
N ILE A 104 -8.76 13.63 23.62
CA ILE A 104 -7.33 13.34 23.46
C ILE A 104 -6.84 12.31 24.45
N ALA A 105 -7.67 11.30 24.70
CA ALA A 105 -7.35 10.23 25.61
C ALA A 105 -8.20 9.05 25.19
N ALA A 106 -9.21 9.33 24.38
CA ALA A 106 -10.09 8.27 23.90
C ALA A 106 -10.15 8.37 22.38
N HIS A 107 -9.09 7.91 21.73
CA HIS A 107 -9.02 7.95 20.30
C HIS A 107 -8.27 6.71 19.82
N SER A 108 -7.28 6.27 20.59
CA SER A 108 -6.50 5.08 20.24
C SER A 108 -6.91 3.91 21.10
N PHE A 109 -7.36 2.82 20.47
CA PHE A 109 -7.78 1.65 21.24
C PHE A 109 -6.62 0.88 21.86
N SER A 110 -5.55 1.61 22.19
CA SER A 110 -4.38 1.01 22.82
C SER A 110 -4.59 1.12 24.33
N ALA A 111 -5.35 2.14 24.75
CA ALA A 111 -5.66 2.39 26.16
C ALA A 111 -7.09 1.97 26.52
N GLN A 112 -7.86 1.58 25.51
CA GLN A 112 -9.25 1.16 25.69
C GLN A 112 -10.05 2.21 26.48
N ILE A 113 -9.66 3.48 26.34
CA ILE A 113 -10.34 4.58 27.04
C ILE A 113 -11.67 4.88 26.32
N ALA A 114 -12.74 4.23 26.76
CA ALA A 114 -14.07 4.40 26.18
C ALA A 114 -14.51 5.86 26.16
N PRO A 115 -14.86 6.39 24.97
CA PRO A 115 -15.30 7.79 24.88
C PRO A 115 -16.73 7.96 25.36
N LEU A 116 -16.96 8.93 26.26
CA LEU A 116 -18.31 9.19 26.78
C LEU A 116 -18.92 10.43 26.16
N THR A 117 -18.10 11.46 26.01
CA THR A 117 -18.58 12.70 25.43
C THR A 117 -18.90 12.52 23.96
N THR A 118 -19.99 13.11 23.50
CA THR A 118 -20.36 13.02 22.09
C THR A 118 -19.32 13.77 21.25
N GLU A 119 -18.45 14.53 21.92
CA GLU A 119 -17.40 15.26 21.22
C GLU A 119 -16.17 14.34 21.09
N ALA A 120 -15.93 13.57 22.15
CA ALA A 120 -14.80 12.62 22.24
C ALA A 120 -15.06 11.40 21.38
N LYS A 121 -16.26 11.38 20.79
CA LYS A 121 -16.66 10.30 19.91
C LYS A 121 -16.33 10.68 18.47
N ILE A 122 -16.63 11.92 18.10
CA ILE A 122 -16.34 12.37 16.76
C ILE A 122 -14.84 12.25 16.41
N VAL A 123 -13.97 12.36 17.39
CA VAL A 123 -12.54 12.26 17.10
C VAL A 123 -12.12 10.82 16.99
N GLN A 124 -12.59 9.99 17.92
CA GLN A 124 -12.25 8.57 17.91
C GLN A 124 -12.77 7.96 16.61
N ASP A 125 -13.42 8.77 15.79
CA ASP A 125 -13.94 8.28 14.53
C ASP A 125 -13.12 8.90 13.44
N ALA A 126 -12.99 10.23 13.47
CA ALA A 126 -12.22 10.89 12.43
C ALA A 126 -10.79 10.36 12.37
N ASP A 127 -10.15 10.17 13.53
CA ASP A 127 -8.77 9.66 13.58
C ASP A 127 -8.74 8.18 13.19
N ARG A 128 -9.77 7.43 13.59
CA ARG A 128 -9.82 6.00 13.30
C ARG A 128 -10.14 5.73 11.83
N LEU A 129 -10.64 6.74 11.14
CA LEU A 129 -10.94 6.60 9.72
C LEU A 129 -9.62 6.77 8.96
N GLU A 130 -8.61 7.28 9.64
CA GLU A 130 -7.33 7.46 9.00
C GLU A 130 -6.62 6.10 8.91
N ALA A 131 -7.26 5.05 9.42
CA ALA A 131 -6.68 3.70 9.40
C ALA A 131 -7.18 2.92 8.19
N LEU A 132 -8.31 3.36 7.66
CA LEU A 132 -8.92 2.74 6.50
C LEU A 132 -8.71 3.61 5.26
N GLY A 133 -9.12 3.09 4.11
CA GLY A 133 -8.98 3.82 2.86
C GLY A 133 -7.60 3.80 2.22
N ALA A 134 -7.44 4.64 1.21
CA ALA A 134 -6.18 4.74 0.50
C ALA A 134 -5.00 5.03 1.46
N ILE A 135 -5.12 6.06 2.31
CA ILE A 135 -4.07 6.45 3.28
C ILE A 135 -3.91 5.28 4.24
N GLY A 136 -5.01 4.62 4.55
CA GLY A 136 -4.96 3.49 5.47
C GLY A 136 -4.13 2.36 4.87
N LEU A 137 -4.39 2.02 3.60
CA LEU A 137 -3.66 0.96 2.91
C LEU A 137 -2.20 1.30 2.79
N ALA A 138 -1.88 2.59 2.83
CA ALA A 138 -0.48 2.99 2.73
C ALA A 138 0.20 2.83 4.10
N ARG A 139 -0.49 3.25 5.17
CA ARG A 139 0.06 3.14 6.54
C ARG A 139 0.40 1.67 6.88
N VAL A 140 -0.52 0.74 6.69
CA VAL A 140 -0.26 -0.66 7.01
C VAL A 140 1.07 -1.20 6.52
N PHE A 141 1.43 -0.84 5.29
CA PHE A 141 2.66 -1.29 4.64
C PHE A 141 3.84 -0.40 4.93
N ALA A 142 3.62 0.90 5.04
CA ALA A 142 4.73 1.80 5.36
C ALA A 142 5.26 1.33 6.73
N VAL A 143 4.43 1.46 7.77
CA VAL A 143 4.76 1.02 9.11
C VAL A 143 5.40 -0.37 8.99
N SER A 144 4.64 -1.33 8.49
CA SER A 144 5.14 -2.68 8.30
C SER A 144 6.52 -2.67 7.65
N GLY A 145 6.90 -1.58 7.00
CA GLY A 145 8.20 -1.49 6.33
C GLY A 145 9.40 -1.33 7.25
N ALA A 146 9.26 -0.37 8.17
CA ALA A 146 10.28 -0.06 9.17
C ALA A 146 10.36 -1.27 10.09
N LEU A 147 9.22 -1.65 10.68
CA LEU A 147 9.19 -2.82 11.56
C LEU A 147 9.66 -4.06 10.78
N GLY A 148 9.76 -3.93 9.46
CA GLY A 148 10.17 -5.04 8.62
C GLY A 148 9.49 -6.34 9.01
N VAL A 149 8.20 -6.46 8.71
CA VAL A 149 7.43 -7.65 9.07
C VAL A 149 6.99 -8.48 7.87
N ALA A 150 7.28 -8.00 6.67
CA ALA A 150 6.89 -8.74 5.47
C ALA A 150 5.37 -8.80 5.33
N LEU A 151 4.89 -9.49 4.31
CA LEU A 151 3.46 -9.57 4.04
C LEU A 151 3.17 -10.56 2.90
N PHE A 152 4.21 -11.26 2.46
CA PHE A 152 4.14 -12.22 1.33
C PHE A 152 3.23 -13.44 1.55
N ASP A 153 3.21 -14.32 0.53
CA ASP A 153 2.40 -15.54 0.50
C ASP A 153 2.39 -16.23 1.84
N GLY A 154 3.37 -15.91 2.67
CA GLY A 154 3.41 -16.50 3.98
C GLY A 154 2.09 -16.25 4.69
N GLU A 155 1.25 -15.40 4.09
CA GLU A 155 -0.07 -15.02 4.64
C GLU A 155 -1.30 -15.58 3.90
N ASP A 156 -1.17 -15.86 2.61
CA ASP A 156 -2.30 -16.39 1.87
C ASP A 156 -2.74 -17.75 2.41
N PRO A 157 -1.84 -18.73 2.44
CA PRO A 157 -2.25 -20.04 2.95
C PRO A 157 -2.82 -20.05 4.39
N PHE A 158 -2.95 -18.87 5.00
CA PHE A 158 -3.50 -18.73 6.36
C PHE A 158 -4.99 -19.05 6.43
N ALA A 159 -5.50 -19.65 5.36
CA ALA A 159 -6.89 -20.06 5.29
C ALA A 159 -6.97 -21.36 6.09
N GLN A 160 -5.80 -21.98 6.29
CA GLN A 160 -5.67 -23.23 7.05
C GLN A 160 -4.66 -23.13 8.20
N HIS A 161 -3.85 -22.08 8.19
CA HIS A 161 -2.86 -21.84 9.24
C HIS A 161 -3.40 -20.75 10.18
N ARG A 162 -2.54 -20.18 11.00
CA ARG A 162 -2.96 -19.15 11.95
C ARG A 162 -2.26 -17.79 11.76
N PRO A 163 -2.98 -16.67 12.03
CA PRO A 163 -2.47 -15.29 11.90
C PRO A 163 -1.53 -14.81 13.01
N LEU A 164 -0.29 -14.56 12.64
CA LEU A 164 0.74 -14.08 13.57
C LEU A 164 0.74 -12.56 13.64
N ASP A 165 -0.04 -11.93 12.76
CA ASP A 165 -0.14 -10.47 12.68
C ASP A 165 1.25 -9.85 12.69
N ASP A 166 1.31 -8.53 12.85
CA ASP A 166 2.57 -7.81 12.87
C ASP A 166 3.54 -8.45 13.87
N TYR A 169 4.01 -10.47 8.76
CA TYR A 169 2.81 -10.58 7.94
C TYR A 169 1.78 -9.42 8.07
N ALA A 170 2.06 -8.30 7.40
CA ALA A 170 1.17 -7.14 7.43
C ALA A 170 -0.22 -7.48 6.89
N LEU A 171 -0.30 -8.08 5.70
CA LEU A 171 -1.61 -8.40 5.13
C LEU A 171 -2.55 -9.10 6.14
N ASP A 172 -2.00 -9.52 7.26
CA ASP A 172 -2.80 -10.16 8.30
C ASP A 172 -3.43 -9.08 9.16
N HIS A 173 -2.65 -8.05 9.46
CA HIS A 173 -3.06 -6.89 10.27
C HIS A 173 -4.37 -6.41 9.70
N PHE A 174 -4.65 -6.85 8.48
CA PHE A 174 -5.88 -6.49 7.78
C PHE A 174 -7.12 -7.03 8.46
N GLN A 175 -7.27 -8.35 8.49
CA GLN A 175 -8.46 -8.88 9.12
C GLN A 175 -8.30 -9.12 10.61
N THR A 176 -7.54 -8.27 11.28
CA THR A 176 -7.38 -8.43 12.73
C THR A 176 -7.81 -7.17 13.46
N LYS A 177 -7.50 -6.02 12.85
CA LYS A 177 -7.82 -4.73 13.43
C LYS A 177 -8.64 -3.91 12.43
N LEU A 178 -8.03 -3.69 11.28
CA LEU A 178 -8.63 -2.89 10.21
C LEU A 178 -9.99 -3.32 9.73
N LEU A 179 -10.16 -4.59 9.43
CA LEU A 179 -11.42 -5.05 8.94
C LEU A 179 -12.45 -5.13 10.05
N LYS A 180 -12.01 -4.93 11.28
CA LYS A 180 -12.92 -5.01 12.41
C LYS A 180 -13.19 -3.64 12.99
N LEU A 181 -12.54 -2.63 12.44
CA LEU A 181 -12.70 -1.25 12.91
C LEU A 181 -14.05 -0.61 12.63
N PRO A 182 -14.58 -0.81 11.43
CA PRO A 182 -15.87 -0.21 11.10
C PRO A 182 -17.06 -0.67 11.94
N GLN A 183 -17.09 -1.94 12.34
CA GLN A 183 -18.19 -2.49 13.13
C GLN A 183 -18.23 -1.92 14.57
N THR A 184 -17.06 -1.58 15.11
CA THR A 184 -16.91 -1.01 16.45
C THR A 184 -16.83 0.51 16.35
N MET A 185 -17.28 1.07 15.23
CA MET A 185 -17.26 2.52 15.01
C MET A 185 -18.41 3.04 15.88
N GLN A 186 -18.19 4.13 16.62
CA GLN A 186 -19.26 4.62 17.51
C GLN A 186 -19.95 5.92 17.10
N THR A 187 -19.79 6.30 15.85
CA THR A 187 -20.42 7.52 15.36
C THR A 187 -21.37 7.29 14.21
N ALA A 188 -22.64 7.57 14.46
CA ALA A 188 -23.72 7.46 13.49
C ALA A 188 -23.19 7.24 12.06
N ARG A 189 -22.86 8.35 11.39
CA ARG A 189 -22.35 8.36 10.02
C ARG A 189 -20.94 7.76 9.95
N GLY A 190 -20.07 8.16 10.87
CA GLY A 190 -18.72 7.62 10.86
C GLY A 190 -18.60 6.12 10.60
N LYS A 191 -19.61 5.33 10.93
CA LYS A 191 -19.55 3.88 10.72
C LYS A 191 -19.79 3.47 9.29
N GLN A 192 -20.77 4.11 8.66
CA GLN A 192 -21.11 3.82 7.28
C GLN A 192 -19.99 4.35 6.40
N LEU A 193 -19.23 5.28 6.96
CA LEU A 193 -18.11 5.89 6.24
C LEU A 193 -16.88 4.99 6.40
N ALA A 194 -16.71 4.43 7.59
CA ALA A 194 -15.59 3.53 7.87
C ALA A 194 -15.97 2.19 7.30
N GLN A 195 -17.11 2.14 6.62
CA GLN A 195 -17.61 0.90 6.03
C GLN A 195 -17.21 0.85 4.55
N HIS A 196 -17.29 1.99 3.88
CA HIS A 196 -16.91 2.10 2.49
C HIS A 196 -15.39 1.91 2.47
N ASN A 197 -14.67 2.84 3.09
CA ASN A 197 -13.22 2.78 3.15
C ASN A 197 -12.67 1.43 3.58
N ALA A 198 -13.44 0.71 4.40
CA ALA A 198 -13.02 -0.61 4.82
C ALA A 198 -13.22 -1.61 3.68
N HIS A 199 -14.12 -1.27 2.76
CA HIS A 199 -14.40 -2.12 1.60
C HIS A 199 -13.32 -1.89 0.56
N PHE A 200 -12.74 -0.68 0.54
CA PHE A 200 -11.67 -0.38 -0.41
C PHE A 200 -10.48 -1.27 -0.12
N LEU A 201 -10.29 -1.61 1.16
CA LEU A 201 -9.19 -2.47 1.58
C LEU A 201 -9.39 -3.90 1.07
N VAL A 202 -10.61 -4.42 1.18
CA VAL A 202 -10.93 -5.76 0.72
C VAL A 202 -10.62 -5.86 -0.78
N GLU A 203 -11.21 -4.99 -1.61
CA GLU A 203 -10.96 -5.00 -3.05
C GLU A 203 -9.44 -5.10 -3.33
N PHE A 204 -8.64 -4.46 -2.48
CA PHE A 204 -7.16 -4.52 -2.56
C PHE A 204 -6.75 -5.97 -2.28
N MET A 205 -7.37 -6.55 -1.29
CA MET A 205 -7.11 -7.93 -0.95
C MET A 205 -7.53 -8.73 -2.18
N ALA A 206 -8.67 -8.42 -2.78
CA ALA A 206 -9.16 -9.14 -3.98
C ALA A 206 -8.13 -9.21 -5.12
N LYS A 207 -7.54 -8.05 -5.46
CA LYS A 207 -6.52 -7.97 -6.49
C LYS A 207 -5.24 -8.67 -6.02
N LEU A 208 -4.96 -8.58 -4.73
CA LEU A 208 -3.75 -9.18 -4.15
C LEU A 208 -3.83 -10.67 -4.23
N SER A 209 -5.03 -11.22 -4.11
CA SER A 209 -5.17 -12.66 -4.16
C SER A 209 -4.88 -13.13 -5.56
N ALA A 210 -5.59 -12.57 -6.52
CA ALA A 210 -5.42 -12.93 -7.92
C ALA A 210 -3.94 -12.87 -8.29
N GLU A 211 -3.39 -11.66 -8.31
CA GLU A 211 -1.99 -11.46 -8.63
C GLU A 211 -1.10 -12.49 -7.97
N LEU A 212 -1.45 -12.82 -6.72
CA LEU A 212 -0.71 -13.79 -5.90
C LEU A 212 -0.94 -15.19 -6.43
N ALA A 213 -1.99 -15.37 -7.22
CA ALA A 213 -2.28 -16.67 -7.77
C ALA A 213 -2.01 -16.62 -9.25
N GLY A 214 -1.00 -15.84 -9.63
CA GLY A 214 -0.65 -15.71 -11.03
C GLY A 214 -1.80 -15.36 -11.96
N GLU A 215 -2.70 -14.48 -11.53
CA GLU A 215 -3.81 -14.09 -12.38
C GLU A 215 -3.48 -12.84 -13.21
N ASN A 216 -2.76 -11.90 -12.60
CA ASN A 216 -2.32 -10.65 -13.25
C ASN A 216 -3.45 -9.78 -13.79
N GLU A 217 -4.69 -10.25 -13.76
CA GLU A 217 -5.75 -9.45 -14.31
C GLU A 217 -6.90 -9.13 -13.37
N GLY A 218 -7.90 -9.99 -13.31
CA GLY A 218 -9.04 -9.73 -12.43
C GLY A 218 -8.73 -9.75 -10.95
N VAL A 219 -9.77 -9.90 -10.14
CA VAL A 219 -9.61 -9.98 -8.71
C VAL A 219 -10.33 -11.22 -8.23
N ASP A 220 -9.83 -11.82 -7.15
CA ASP A 220 -10.40 -13.03 -6.58
C ASP A 220 -11.79 -12.78 -6.04
N HIS A 221 -12.80 -12.90 -6.91
CA HIS A 221 -14.18 -12.70 -6.48
C HIS A 221 -14.64 -13.81 -5.54
N LYS A 222 -13.85 -14.04 -4.49
CA LYS A 222 -14.15 -15.06 -3.51
C LYS A 222 -13.74 -14.43 -2.21
N VAL A 223 -12.77 -13.51 -2.28
CA VAL A 223 -12.29 -12.79 -1.10
C VAL A 223 -13.20 -11.61 -0.82
N ILE A 224 -13.83 -11.11 -1.88
CA ILE A 224 -14.76 -10.00 -1.77
C ILE A 224 -15.99 -10.61 -1.13
N ASP A 225 -16.21 -11.89 -1.42
CA ASP A 225 -17.35 -12.59 -0.89
C ASP A 225 -17.26 -12.90 0.59
N ALA A 226 -16.04 -12.96 1.13
CA ALA A 226 -15.86 -13.28 2.55
C ALA A 226 -15.38 -12.15 3.48
N PHE A 227 -14.58 -11.21 2.96
CA PHE A 227 -14.08 -10.12 3.78
C PHE A 227 -14.80 -8.78 3.75
N SER A 228 -16.00 -8.71 3.15
CA SER A 228 -16.76 -7.45 3.19
C SER A 228 -18.24 -7.68 2.90
N SER A 229 -19.06 -7.15 3.81
CA SER A 229 -20.50 -7.25 3.75
C SER A 229 -21.09 -6.79 2.42
N ALA A 230 -21.69 -7.72 1.67
CA ALA A 230 -22.28 -7.36 0.39
C ALA A 230 -23.29 -6.24 0.63
N GLY A 231 -23.74 -5.61 -0.43
CA GLY A 231 -24.67 -4.51 -0.29
C GLY A 231 -23.87 -3.26 -0.58
N LEU A 232 -22.61 -3.23 -0.18
CA LEU A 232 -21.80 -2.05 -0.44
C LEU A 232 -21.40 -1.96 -1.90
N GLU A 233 -22.11 -2.70 -2.76
CA GLU A 233 -21.83 -2.67 -4.19
C GLU A 233 -22.87 -3.48 -4.98
N HIS A 235 -24.98 -5.80 -6.40
CA HIS A 235 -25.60 -6.57 -5.32
C HIS A 235 -27.04 -6.89 -5.69
N HIS A 236 -27.51 -8.08 -5.34
CA HIS A 236 -28.90 -8.45 -5.66
C HIS A 236 -29.68 -8.64 -4.36
N HIS A 237 -30.92 -9.12 -4.41
CA HIS A 237 -31.74 -9.34 -3.21
C HIS A 237 -32.53 -10.64 -3.45
N HIS A 238 -32.42 -11.67 -2.61
CA HIS A 238 -33.25 -12.85 -2.89
C HIS A 238 -34.55 -12.74 -2.09
N GLN B 4 10.35 -34.13 -18.21
CA GLN B 4 10.78 -34.82 -16.97
C GLN B 4 11.75 -33.93 -16.18
N HIS B 5 12.63 -33.24 -16.90
CA HIS B 5 13.61 -32.32 -16.29
C HIS B 5 13.05 -30.91 -16.47
N TRP B 6 11.72 -30.83 -16.48
CA TRP B 6 11.00 -29.57 -16.64
C TRP B 6 10.33 -29.19 -15.32
N GLN B 7 10.00 -30.20 -14.51
CA GLN B 7 9.36 -30.00 -13.21
C GLN B 7 10.30 -30.42 -12.09
N ALA B 8 11.13 -31.42 -12.39
CA ALA B 8 12.08 -31.95 -11.42
C ALA B 8 13.09 -30.89 -10.97
N GLN B 9 13.66 -30.14 -11.93
CA GLN B 9 14.66 -29.11 -11.63
C GLN B 9 14.14 -27.99 -10.74
N PHE B 10 12.88 -28.09 -10.32
CA PHE B 10 12.30 -27.09 -9.45
C PHE B 10 13.19 -27.11 -8.20
N GLU B 11 13.85 -28.25 -7.99
CA GLU B 11 14.77 -28.43 -6.87
C GLU B 11 16.01 -27.58 -7.17
N ASN B 12 15.75 -26.32 -7.49
CA ASN B 12 16.80 -25.37 -7.79
C ASN B 12 17.14 -24.77 -6.41
N TRP B 13 16.38 -23.77 -5.96
CA TRP B 13 16.63 -23.16 -4.65
C TRP B 13 15.94 -24.02 -3.60
N LEU B 14 15.22 -25.03 -4.08
CA LEU B 14 14.52 -25.96 -3.21
C LEU B 14 15.52 -26.89 -2.56
N LYS B 15 16.72 -26.37 -2.37
CA LYS B 15 17.83 -27.10 -1.76
C LYS B 15 19.11 -26.29 -2.08
N ASN B 16 19.28 -25.18 -1.37
CA ASN B 16 20.43 -24.29 -1.55
C ASN B 16 20.79 -23.65 -0.20
N HIS B 17 20.55 -22.34 -0.09
CA HIS B 17 20.83 -21.56 1.12
C HIS B 17 22.04 -22.01 1.92
N VAL B 27 12.70 -14.75 -2.74
CA VAL B 27 12.77 -16.20 -2.52
C VAL B 27 11.46 -16.91 -2.95
N CYS B 28 10.33 -16.25 -2.71
CA CYS B 28 9.03 -16.81 -3.11
C CYS B 28 8.63 -15.94 -4.33
N HIS B 29 9.26 -14.77 -4.39
CA HIS B 29 9.12 -13.77 -5.46
C HIS B 29 9.34 -14.46 -6.79
N PHE B 30 10.20 -15.48 -6.76
CA PHE B 30 10.56 -16.25 -7.94
C PHE B 30 9.42 -17.18 -8.35
N ARG B 31 8.86 -17.87 -7.35
CA ARG B 31 7.76 -18.82 -7.53
C ARG B 31 6.68 -18.25 -8.45
N ARG B 32 6.38 -16.97 -8.22
CA ARG B 32 5.36 -16.20 -8.97
C ARG B 32 5.90 -15.77 -10.33
N VAL B 33 7.09 -15.18 -10.34
CA VAL B 33 7.66 -14.72 -11.59
C VAL B 33 7.65 -15.84 -12.61
N TRP B 34 8.07 -17.03 -12.24
CA TRP B 34 8.07 -18.13 -13.20
C TRP B 34 6.63 -18.29 -13.69
N ALA B 35 5.70 -18.36 -12.74
CA ALA B 35 4.28 -18.54 -13.06
C ALA B 35 3.77 -17.63 -14.17
N THR B 36 4.09 -16.34 -14.09
CA THR B 36 3.64 -15.38 -15.08
C THR B 36 4.61 -15.28 -16.26
N ALA B 37 5.84 -15.74 -16.02
CA ALA B 37 6.91 -15.77 -17.02
C ALA B 37 6.63 -16.84 -18.08
N GLN B 38 5.89 -17.87 -17.67
CA GLN B 38 5.53 -18.95 -18.55
C GLN B 38 4.34 -18.49 -19.39
N LYS B 39 3.43 -17.75 -18.77
CA LYS B 39 2.26 -17.28 -19.48
C LYS B 39 2.62 -16.30 -20.58
N LEU B 40 3.75 -15.62 -20.41
CA LEU B 40 4.23 -14.64 -21.39
C LEU B 40 4.75 -15.26 -22.68
N ALA B 41 5.36 -16.44 -22.55
CA ALA B 41 5.92 -17.18 -23.67
C ALA B 41 5.17 -18.49 -23.87
N ALA B 42 3.85 -18.41 -23.77
CA ALA B 42 3.03 -19.60 -23.94
C ALA B 42 2.88 -19.97 -25.40
N ASP B 43 3.31 -21.18 -25.76
CA ASP B 43 3.23 -21.68 -27.13
C ASP B 43 3.94 -20.78 -28.15
N ASP B 44 5.21 -20.46 -27.86
CA ASP B 44 6.06 -19.62 -28.73
C ASP B 44 7.36 -20.34 -29.07
N ASP B 45 7.64 -21.41 -28.34
CA ASP B 45 8.84 -22.22 -28.52
C ASP B 45 10.09 -21.32 -28.52
N VAL B 46 10.48 -20.89 -27.32
CA VAL B 46 11.64 -20.02 -27.17
C VAL B 46 12.74 -20.71 -26.37
N ASP B 47 12.41 -21.11 -25.14
CA ASP B 47 13.35 -21.80 -24.26
C ASP B 47 12.91 -21.77 -22.80
N MET B 48 11.70 -22.24 -22.52
CA MET B 48 11.18 -22.25 -21.16
C MET B 48 11.97 -23.23 -20.28
N LEU B 49 13.29 -23.05 -20.27
CA LEU B 49 14.17 -23.92 -19.50
C LEU B 49 15.29 -23.09 -18.90
N VAL B 50 15.71 -22.07 -19.66
CA VAL B 50 16.77 -21.13 -19.24
C VAL B 50 16.09 -19.97 -18.52
N ILE B 51 15.00 -19.49 -19.11
CA ILE B 51 14.25 -18.37 -18.54
C ILE B 51 14.01 -18.65 -17.06
N LEU B 52 13.86 -19.94 -16.72
CA LEU B 52 13.61 -20.38 -15.35
C LEU B 52 14.73 -20.05 -14.38
N THR B 53 15.91 -20.53 -14.69
CA THR B 53 17.06 -20.29 -13.84
C THR B 53 17.28 -18.78 -13.81
N ALA B 54 16.88 -18.12 -14.89
CA ALA B 54 17.02 -16.68 -15.00
C ALA B 54 16.26 -16.00 -13.88
N CYS B 55 14.97 -16.26 -13.82
CA CYS B 55 14.15 -15.65 -12.78
C CYS B 55 14.31 -16.29 -11.40
N TYR B 56 15.02 -17.42 -11.34
CA TYR B 56 15.25 -18.10 -10.07
C TYR B 56 16.50 -17.69 -9.28
N PHE B 57 17.29 -16.77 -9.85
CA PHE B 57 18.51 -16.32 -9.22
C PHE B 57 18.83 -14.83 -9.32
N HIS B 58 18.10 -14.11 -10.18
CA HIS B 58 18.37 -12.68 -10.36
C HIS B 58 18.54 -11.86 -9.08
N ASP B 59 18.21 -12.46 -7.94
CA ASP B 59 18.30 -11.80 -6.63
C ASP B 59 19.44 -12.30 -5.75
N ILE B 60 19.98 -13.48 -6.06
CA ILE B 60 21.06 -14.07 -5.26
C ILE B 60 22.34 -13.24 -5.28
N VAL B 61 22.31 -12.13 -6.02
CA VAL B 61 23.48 -11.25 -6.13
C VAL B 61 23.11 -9.77 -5.91
N SER B 62 22.20 -9.52 -4.98
CA SER B 62 21.71 -8.15 -4.67
C SER B 62 21.60 -7.28 -5.93
N GLN B 71 24.19 1.36 -8.95
CA GLN B 71 23.69 0.80 -10.21
C GLN B 71 24.55 -0.38 -10.65
N ARG B 72 25.42 -0.84 -9.76
CA ARG B 72 26.30 -1.96 -10.08
C ARG B 72 25.83 -3.15 -9.24
N SER B 73 25.11 -4.09 -9.84
CA SER B 73 24.65 -5.25 -9.09
C SER B 73 24.00 -6.30 -9.96
N SER B 74 23.59 -5.90 -11.16
CA SER B 74 22.97 -6.83 -12.08
C SER B 74 24.01 -7.51 -12.95
N ILE B 75 25.04 -6.76 -13.33
CA ILE B 75 26.13 -7.27 -14.16
C ILE B 75 26.86 -8.36 -13.37
N LEU B 76 26.80 -8.24 -12.04
CA LEU B 76 27.44 -9.22 -11.16
C LEU B 76 26.45 -10.34 -10.80
N ALA B 77 25.17 -10.10 -11.07
CA ALA B 77 24.15 -11.10 -10.79
C ALA B 77 24.38 -12.32 -11.67
N ALA B 78 25.06 -12.10 -12.80
CA ALA B 78 25.37 -13.14 -13.77
C ALA B 78 26.81 -13.62 -13.61
N GLU B 79 27.67 -12.73 -13.13
CA GLU B 79 29.06 -13.08 -12.89
C GLU B 79 29.13 -13.84 -11.58
N GLU B 80 27.96 -13.99 -10.97
CA GLU B 80 27.82 -14.70 -9.69
C GLU B 80 27.00 -15.96 -9.90
N THR B 81 25.88 -15.82 -10.62
CA THR B 81 24.99 -16.95 -10.88
C THR B 81 25.61 -17.96 -11.83
N ARG B 82 26.65 -17.55 -12.56
CA ARG B 82 27.32 -18.45 -13.50
C ARG B 82 28.24 -19.42 -12.77
N ARG B 83 28.97 -18.90 -11.79
CA ARG B 83 29.89 -19.70 -10.98
C ARG B 83 29.09 -20.66 -10.08
N LEU B 84 28.03 -20.14 -9.47
CA LEU B 84 27.16 -20.92 -8.59
C LEU B 84 26.40 -21.97 -9.40
N LEU B 85 26.12 -21.66 -10.67
CA LEU B 85 25.41 -22.58 -11.55
C LEU B 85 26.23 -23.87 -11.64
N ARG B 86 27.55 -23.73 -11.61
CA ARG B 86 28.45 -24.89 -11.69
C ARG B 86 28.41 -25.65 -10.36
N GLU B 87 27.23 -26.12 -9.98
CA GLU B 87 27.03 -26.87 -8.74
C GLU B 87 25.92 -27.89 -8.96
N GLU B 88 24.71 -27.39 -9.18
CA GLU B 88 23.55 -28.25 -9.42
C GLU B 88 23.20 -28.26 -10.92
N PHE B 89 23.58 -27.19 -11.61
CA PHE B 89 23.35 -27.03 -13.05
C PHE B 89 24.44 -27.81 -13.79
N GLU B 90 25.14 -28.65 -13.02
CA GLU B 90 26.23 -29.48 -13.52
C GLU B 90 25.69 -30.53 -14.48
N GLN B 91 24.48 -31.00 -14.22
CA GLN B 91 23.86 -32.01 -15.08
C GLN B 91 23.53 -31.55 -16.50
N PHE B 92 22.98 -30.35 -16.64
CA PHE B 92 22.62 -29.84 -17.96
C PHE B 92 22.91 -28.35 -18.22
N PRO B 93 24.15 -28.04 -18.58
CA PRO B 93 24.51 -26.65 -18.88
C PRO B 93 24.36 -26.39 -20.40
N ALA B 94 25.24 -26.99 -21.20
CA ALA B 94 25.22 -26.83 -22.65
C ALA B 94 25.32 -25.35 -23.02
N GLU B 95 24.77 -24.99 -24.17
CA GLU B 95 24.77 -23.59 -24.64
C GLU B 95 23.85 -22.80 -23.72
N LYS B 96 22.92 -23.52 -23.10
CA LYS B 96 21.95 -22.97 -22.17
C LYS B 96 22.62 -22.63 -20.83
N ILE B 97 23.46 -21.61 -20.81
CA ILE B 97 24.14 -21.21 -19.58
C ILE B 97 24.69 -19.82 -19.84
N GLU B 98 24.75 -19.47 -21.12
CA GLU B 98 25.24 -18.15 -21.54
C GLU B 98 24.00 -17.26 -21.66
N ALA B 99 22.84 -17.91 -21.78
CA ALA B 99 21.55 -17.24 -21.89
C ALA B 99 21.06 -16.94 -20.48
N VAL B 100 21.44 -17.79 -19.54
CA VAL B 100 21.08 -17.63 -18.15
C VAL B 100 22.03 -16.60 -17.55
N CYS B 101 22.84 -15.97 -18.40
CA CYS B 101 23.75 -14.94 -17.92
C CYS B 101 23.38 -13.57 -18.49
N HIS B 102 22.44 -13.55 -19.43
CA HIS B 102 21.98 -12.29 -20.00
C HIS B 102 20.66 -11.97 -19.31
N ALA B 103 19.81 -12.99 -19.16
CA ALA B 103 18.54 -12.80 -18.51
C ALA B 103 18.85 -12.29 -17.11
N ILE B 104 19.53 -13.10 -16.32
CA ILE B 104 19.90 -12.73 -14.95
C ILE B 104 20.94 -11.63 -14.92
N ALA B 105 20.79 -10.67 -15.83
CA ALA B 105 21.69 -9.53 -15.91
C ALA B 105 20.91 -8.43 -16.61
N ALA B 106 19.79 -8.81 -17.22
CA ALA B 106 18.95 -7.84 -17.90
C ALA B 106 17.54 -8.02 -17.38
N HIS B 107 17.30 -7.50 -16.18
CA HIS B 107 15.99 -7.60 -15.58
C HIS B 107 15.75 -6.34 -14.76
N SER B 108 16.80 -5.81 -14.15
CA SER B 108 16.68 -4.60 -13.35
C SER B 108 17.25 -3.41 -14.10
N PHE B 109 16.43 -2.38 -14.33
CA PHE B 109 16.91 -1.21 -15.06
C PHE B 109 17.85 -0.33 -14.24
N SER B 110 18.60 -0.98 -13.35
CA SER B 110 19.58 -0.29 -12.52
C SER B 110 20.92 -0.33 -13.27
N ALA B 111 21.09 -1.38 -14.09
CA ALA B 111 22.30 -1.58 -14.89
C ALA B 111 22.08 -1.24 -16.37
N GLN B 112 20.83 -0.94 -16.72
CA GLN B 112 20.45 -0.61 -18.10
C GLN B 112 20.98 -1.67 -19.08
N ILE B 113 21.06 -2.91 -18.62
CA ILE B 113 21.53 -4.03 -19.46
C ILE B 113 20.39 -4.45 -20.41
N ALA B 114 20.37 -3.85 -21.60
CA ALA B 114 19.35 -4.13 -22.60
C ALA B 114 19.26 -5.61 -22.95
N PRO B 115 18.08 -6.23 -22.81
CA PRO B 115 17.91 -7.65 -23.11
C PRO B 115 17.84 -7.89 -24.62
N LEU B 116 18.65 -8.84 -25.12
CA LEU B 116 18.66 -9.16 -26.55
C LEU B 116 17.94 -10.45 -26.82
N THR B 117 18.16 -11.44 -25.97
CA THR B 117 17.54 -12.74 -26.14
C THR B 117 16.04 -12.65 -25.89
N THR B 118 15.25 -13.33 -26.72
CA THR B 118 13.80 -13.33 -26.53
C THR B 118 13.45 -14.04 -25.22
N GLU B 119 14.44 -14.71 -24.63
CA GLU B 119 14.22 -15.41 -23.37
C GLU B 119 14.51 -14.42 -22.22
N ALA B 120 15.53 -13.58 -22.43
CA ALA B 120 15.97 -12.57 -21.46
C ALA B 120 14.99 -11.40 -21.43
N LYS B 121 14.01 -11.48 -22.32
CA LYS B 121 12.98 -10.47 -22.41
C LYS B 121 11.78 -10.90 -21.57
N ILE B 122 11.42 -12.16 -21.63
CA ILE B 122 10.31 -12.66 -20.85
C ILE B 122 10.52 -12.45 -19.33
N VAL B 123 11.76 -12.46 -18.87
CA VAL B 123 12.01 -12.27 -17.45
C VAL B 123 11.96 -10.81 -17.09
N GLN B 124 12.60 -9.98 -17.91
CA GLN B 124 12.62 -8.54 -17.66
C GLN B 124 11.18 -8.03 -17.67
N ASP B 125 10.24 -8.93 -17.95
CA ASP B 125 8.86 -8.53 -17.97
C ASP B 125 8.17 -9.14 -16.79
N ALA B 126 8.33 -10.45 -16.61
CA ALA B 126 7.70 -11.10 -15.49
C ALA B 126 8.15 -10.48 -14.16
N ASP B 127 9.45 -10.21 -14.01
CA ASP B 127 9.98 -9.61 -12.78
C ASP B 127 9.53 -8.14 -12.65
N ARG B 128 9.47 -7.44 -13.79
CA ARG B 128 9.08 -6.04 -13.80
C ARG B 128 7.59 -5.85 -13.56
N LEU B 129 6.82 -6.93 -13.72
CA LEU B 129 5.39 -6.87 -13.48
C LEU B 129 5.18 -6.97 -11.97
N GLU B 130 6.22 -7.40 -11.26
CA GLU B 130 6.12 -7.52 -9.81
C GLU B 130 6.20 -6.12 -9.18
N ALA B 131 6.36 -5.08 -10.01
CA ALA B 131 6.46 -3.71 -9.53
C ALA B 131 5.12 -3.02 -9.57
N LEU B 132 4.23 -3.57 -10.40
CA LEU B 132 2.89 -3.04 -10.56
C LEU B 132 1.89 -3.94 -9.87
N GLY B 133 0.63 -3.50 -9.85
CA GLY B 133 -0.42 -4.28 -9.22
C GLY B 133 -0.50 -4.20 -7.70
N ALA B 134 -1.33 -5.07 -7.14
CA ALA B 134 -1.52 -5.12 -5.71
C ALA B 134 -0.18 -5.28 -4.96
N ILE B 135 0.64 -6.27 -5.36
CA ILE B 135 1.95 -6.55 -4.73
C ILE B 135 2.83 -5.35 -4.97
N GLY B 136 2.66 -4.73 -6.14
CA GLY B 136 3.45 -3.56 -6.47
C GLY B 136 3.12 -2.41 -5.54
N LEU B 137 1.84 -2.14 -5.32
CA LEU B 137 1.39 -1.07 -4.43
C LEU B 137 1.85 -1.32 -3.02
N ALA B 138 2.08 -2.58 -2.68
CA ALA B 138 2.53 -2.90 -1.33
C ALA B 138 4.04 -2.64 -1.23
N ARG B 139 4.82 -3.05 -2.24
CA ARG B 139 6.28 -2.84 -2.24
C ARG B 139 6.63 -1.33 -2.12
N VAL B 140 6.04 -0.48 -2.94
CA VAL B 140 6.35 0.95 -2.89
C VAL B 140 6.35 1.56 -1.49
N PHE B 141 5.37 1.16 -0.68
CA PHE B 141 5.20 1.67 0.67
C PHE B 141 5.96 0.87 1.71
N ALA B 142 6.06 -0.45 1.52
CA ALA B 142 6.82 -1.25 2.46
C ALA B 142 8.25 -0.69 2.42
N VAL B 143 8.92 -0.82 1.28
CA VAL B 143 10.27 -0.30 1.07
C VAL B 143 10.29 1.12 1.64
N SER B 144 9.48 2.00 1.07
CA SER B 144 9.41 3.38 1.55
C SER B 144 9.32 3.44 3.09
N GLY B 145 8.92 2.33 3.72
CA GLY B 145 8.79 2.31 5.17
C GLY B 145 10.09 2.26 5.95
N ALA B 146 10.96 1.34 5.52
CA ALA B 146 12.28 1.14 6.11
C ALA B 146 13.09 2.40 5.78
N LEU B 147 13.19 2.73 4.49
CA LEU B 147 13.91 3.93 4.09
C LEU B 147 13.28 5.16 4.75
N GLY B 148 12.10 4.97 5.35
CA GLY B 148 11.40 6.07 5.99
C GLY B 148 11.43 7.34 5.15
N VAL B 149 10.66 7.35 4.06
CA VAL B 149 10.63 8.51 3.17
C VAL B 149 9.30 9.26 3.17
N ALA B 150 8.33 8.74 3.90
CA ALA B 150 7.03 9.41 3.96
C ALA B 150 6.33 9.36 2.60
N LEU B 151 5.16 9.97 2.52
CA LEU B 151 4.39 9.94 1.28
C LEU B 151 3.15 10.85 1.38
N PHE B 152 3.07 11.60 2.49
CA PHE B 152 1.94 12.50 2.80
C PHE B 152 1.74 13.68 1.82
N ASP B 153 0.72 14.50 2.14
CA ASP B 153 0.31 15.67 1.35
C ASP B 153 1.50 16.41 0.81
N GLY B 154 2.65 16.19 1.43
CA GLY B 154 3.84 16.86 0.95
C GLY B 154 4.02 16.54 -0.52
N GLU B 155 3.22 15.61 -1.05
CA GLU B 155 3.26 15.17 -2.47
C GLU B 155 2.09 15.62 -3.36
N ASP B 156 0.93 15.85 -2.76
CA ASP B 156 -0.22 16.26 -3.55
C ASP B 156 0.03 17.61 -4.22
N PRO B 157 0.33 18.65 -3.43
CA PRO B 157 0.56 19.96 -4.07
C PRO B 157 1.69 20.00 -5.13
N PHE B 158 2.29 18.83 -5.43
CA PHE B 158 3.35 18.72 -6.44
C PHE B 158 2.84 18.94 -7.87
N ALA B 159 1.62 19.46 -7.97
CA ALA B 159 1.01 19.78 -9.26
C ALA B 159 1.64 21.10 -9.68
N GLN B 160 2.22 21.81 -8.70
CA GLN B 160 2.88 23.10 -8.91
C GLN B 160 4.33 23.11 -8.40
N HIS B 161 4.69 22.12 -7.59
CA HIS B 161 6.05 21.99 -7.06
C HIS B 161 6.78 20.92 -7.86
N ARG B 162 7.92 20.44 -7.35
CA ARG B 162 8.70 19.42 -8.04
C ARG B 162 8.88 18.10 -7.27
N PRO B 163 8.93 16.95 -7.99
CA PRO B 163 9.09 15.61 -7.40
C PRO B 163 10.49 15.24 -6.92
N LEU B 164 10.63 15.06 -5.61
CA LEU B 164 11.91 14.70 -5.00
C LEU B 164 12.07 13.18 -4.95
N ASP B 165 11.01 12.46 -5.33
CA ASP B 165 11.00 11.00 -5.32
C ASP B 165 11.56 10.47 -3.99
N ASP B 166 11.81 9.16 -3.95
CA ASP B 166 12.35 8.52 -2.76
C ASP B 166 13.60 9.28 -2.27
N TYR B 169 8.90 11.09 -0.01
CA TYR B 169 7.69 11.07 -0.82
C TYR B 169 7.50 9.86 -1.78
N ALA B 170 7.05 8.74 -1.22
CA ALA B 170 6.83 7.53 -2.00
C ALA B 170 5.80 7.74 -3.10
N LEU B 171 4.63 8.28 -2.75
CA LEU B 171 3.59 8.50 -3.77
C LEU B 171 4.14 9.16 -5.05
N ASP B 172 5.36 9.67 -4.98
CA ASP B 172 5.97 10.31 -6.13
C ASP B 172 6.61 9.23 -7.00
N HIS B 173 7.25 8.26 -6.33
CA HIS B 173 7.92 7.13 -6.97
C HIS B 173 6.94 6.53 -7.96
N PHE B 174 5.67 6.90 -7.78
CA PHE B 174 4.60 6.43 -8.63
C PHE B 174 4.74 6.93 -10.06
N GLN B 175 4.61 8.23 -10.27
CA GLN B 175 4.72 8.71 -11.63
C GLN B 175 6.14 9.01 -12.07
N THR B 176 7.11 8.25 -11.57
CA THR B 176 8.50 8.48 -11.96
C THR B 176 9.10 7.23 -12.57
N LYS B 177 8.72 6.08 -12.02
CA LYS B 177 9.22 4.79 -12.46
C LYS B 177 8.06 3.88 -12.81
N LEU B 178 7.22 3.65 -11.82
CA LEU B 178 6.08 2.77 -11.94
C LEU B 178 5.08 3.09 -13.04
N LEU B 179 4.68 4.34 -13.13
CA LEU B 179 3.72 4.69 -14.15
C LEU B 179 4.37 4.75 -15.52
N LYS B 180 5.69 4.64 -15.55
CA LYS B 180 6.38 4.71 -16.82
C LYS B 180 6.91 3.35 -17.23
N LEU B 181 6.71 2.34 -16.38
CA LEU B 181 7.18 0.99 -16.64
C LEU B 181 6.46 0.24 -17.76
N PRO B 182 5.13 0.36 -17.82
CA PRO B 182 4.40 -0.35 -18.86
C PRO B 182 4.70 0.07 -20.30
N GLN B 183 4.98 1.36 -20.52
CA GLN B 183 5.28 1.87 -21.87
C GLN B 183 6.63 1.36 -22.41
N THR B 184 7.59 1.13 -21.52
CA THR B 184 8.92 0.64 -21.85
C THR B 184 8.96 -0.88 -21.68
N MET B 185 7.79 -1.53 -21.65
CA MET B 185 7.70 -2.98 -21.50
C MET B 185 8.11 -3.53 -22.85
N GLN B 186 8.95 -4.57 -22.87
CA GLN B 186 9.41 -5.09 -24.17
C GLN B 186 8.87 -6.45 -24.60
N THR B 187 7.79 -6.88 -23.97
CA THR B 187 7.19 -8.16 -24.33
C THR B 187 5.74 -8.04 -24.78
N ALA B 188 5.53 -8.39 -26.04
CA ALA B 188 4.22 -8.39 -26.69
C ALA B 188 3.08 -8.21 -25.68
N ARG B 189 2.66 -9.33 -25.07
CA ARG B 189 1.56 -9.36 -24.08
C ARG B 189 1.98 -8.67 -22.78
N GLY B 190 3.18 -8.97 -22.30
CA GLY B 190 3.64 -8.34 -21.06
C GLY B 190 3.35 -6.85 -20.91
N LYS B 191 3.23 -6.12 -22.02
CA LYS B 191 2.96 -4.69 -21.94
C LYS B 191 1.52 -4.36 -21.65
N GLN B 192 0.61 -5.08 -22.30
CA GLN B 192 -0.82 -4.88 -22.11
C GLN B 192 -1.17 -5.37 -20.73
N LEU B 193 -0.31 -6.22 -20.18
CA LEU B 193 -0.52 -6.79 -18.85
C LEU B 193 0.02 -5.81 -17.80
N ALA B 194 1.15 -5.18 -18.12
CA ALA B 194 1.75 -4.20 -17.22
C ALA B 194 0.99 -2.90 -17.42
N GLN B 195 -0.06 -2.96 -18.22
CA GLN B 195 -0.87 -1.79 -18.52
C GLN B 195 -2.09 -1.77 -17.61
N HIS B 196 -2.67 -2.95 -17.39
CA HIS B 196 -3.81 -3.11 -16.50
C HIS B 196 -3.29 -2.82 -15.09
N ASN B 197 -2.38 -3.67 -14.62
CA ASN B 197 -1.79 -3.51 -13.29
C ASN B 197 -1.27 -2.09 -13.01
N ALA B 198 -0.86 -1.40 -14.05
CA ALA B 198 -0.39 -0.03 -13.89
C ALA B 198 -1.59 0.90 -13.71
N HIS B 199 -2.77 0.47 -14.18
CA HIS B 199 -3.99 1.24 -14.04
C HIS B 199 -4.55 1.02 -12.63
N PHE B 200 -4.27 -0.14 -12.04
CA PHE B 200 -4.74 -0.42 -10.69
C PHE B 200 -4.08 0.56 -9.73
N LEU B 201 -2.86 0.97 -10.05
CA LEU B 201 -2.12 1.92 -9.22
C LEU B 201 -2.75 3.30 -9.27
N VAL B 202 -3.13 3.74 -10.47
CA VAL B 202 -3.78 5.05 -10.67
C VAL B 202 -5.04 5.10 -9.82
N GLU B 203 -5.98 4.17 -10.03
CA GLU B 203 -7.22 4.12 -9.24
C GLU B 203 -6.93 4.30 -7.74
N PHE B 204 -5.80 3.76 -7.27
CA PHE B 204 -5.34 3.90 -5.88
C PHE B 204 -5.02 5.40 -5.67
N MET B 205 -4.36 5.98 -6.65
CA MET B 205 -4.06 7.37 -6.60
C MET B 205 -5.40 8.10 -6.56
N ALA B 206 -6.35 7.67 -7.39
CA ALA B 206 -7.69 8.31 -7.42
C ALA B 206 -8.37 8.40 -6.04
N LYS B 207 -8.40 7.28 -5.31
CA LYS B 207 -8.97 7.21 -3.97
C LYS B 207 -8.10 8.01 -2.98
N LEU B 208 -6.79 8.01 -3.21
CA LEU B 208 -5.86 8.70 -2.32
C LEU B 208 -6.06 10.19 -2.43
N SER B 209 -6.42 10.66 -3.62
CA SER B 209 -6.62 12.08 -3.80
C SER B 209 -7.84 12.52 -3.02
N ALA B 210 -8.97 11.86 -3.31
CA ALA B 210 -10.22 12.16 -2.64
C ALA B 210 -10.02 12.19 -1.13
N GLU B 211 -9.75 11.03 -0.56
CA GLU B 211 -9.51 10.89 0.87
C GLU B 211 -8.64 12.01 1.39
N LEU B 212 -7.63 12.37 0.61
CA LEU B 212 -6.65 13.42 0.93
C LEU B 212 -7.33 14.77 0.87
N ALA B 213 -8.45 14.85 0.16
CA ALA B 213 -9.16 16.10 0.05
C ALA B 213 -10.43 16.00 0.86
N GLY B 214 -10.36 15.29 1.97
CA GLY B 214 -11.52 15.12 2.82
C GLY B 214 -12.78 14.65 2.12
N GLU B 215 -12.66 13.73 1.16
CA GLU B 215 -13.83 13.22 0.46
C GLU B 215 -14.38 11.97 1.13
N ASN B 216 -13.49 11.10 1.62
CA ASN B 216 -13.85 9.86 2.32
C ASN B 216 -14.72 8.89 1.51
N GLU B 217 -15.18 9.29 0.33
CA GLU B 217 -16.02 8.39 -0.41
C GLU B 217 -15.56 8.04 -1.83
N GLY B 218 -15.92 8.85 -2.81
CA GLY B 218 -15.52 8.54 -4.17
C GLY B 218 -14.03 8.65 -4.44
N VAL B 219 -13.68 8.77 -5.71
CA VAL B 219 -12.29 8.92 -6.09
C VAL B 219 -12.21 10.13 -7.00
N ASP B 220 -11.05 10.80 -6.97
CA ASP B 220 -10.82 12.01 -7.76
C ASP B 220 -10.81 11.68 -9.24
N HIS B 221 -11.99 11.70 -9.86
CA HIS B 221 -12.10 11.42 -11.30
C HIS B 221 -11.47 12.56 -12.10
N LYS B 222 -10.23 12.87 -11.78
CA LYS B 222 -9.51 13.92 -12.47
C LYS B 222 -8.09 13.38 -12.55
N VAL B 223 -7.74 12.52 -11.59
CA VAL B 223 -6.42 11.89 -11.54
C VAL B 223 -6.42 10.68 -12.44
N ILE B 224 -7.60 10.07 -12.60
CA ILE B 224 -7.76 8.91 -13.46
C ILE B 224 -7.67 9.47 -14.87
N ASP B 225 -8.10 10.72 -15.01
CA ASP B 225 -8.08 11.37 -16.31
C ASP B 225 -6.70 11.74 -16.79
N ALA B 226 -5.75 11.91 -15.88
CA ALA B 226 -4.39 12.31 -16.24
C ALA B 226 -3.28 11.25 -16.09
N PHE B 227 -3.40 10.34 -15.12
CA PHE B 227 -2.37 9.32 -14.91
C PHE B 227 -2.58 7.94 -15.51
N SER B 228 -3.57 7.76 -16.39
CA SER B 228 -3.76 6.46 -17.05
C SER B 228 -4.57 6.57 -18.32
N SER B 229 -3.99 6.03 -19.40
CA SER B 229 -4.59 6.05 -20.73
C SER B 229 -6.01 5.49 -20.75
N ALA B 230 -6.99 6.33 -21.06
CA ALA B 230 -8.37 5.89 -21.13
C ALA B 230 -8.45 4.71 -22.10
N GLY B 231 -9.57 4.01 -22.08
CA GLY B 231 -9.70 2.85 -22.94
C GLY B 231 -9.58 1.65 -22.06
N LEU B 232 -8.74 1.72 -21.02
CA LEU B 232 -8.61 0.59 -20.13
C LEU B 232 -9.81 0.46 -19.22
N GLU B 233 -10.92 1.11 -19.58
CA GLU B 233 -12.14 1.03 -18.78
C GLU B 233 -13.31 1.72 -19.49
N HIS B 235 -15.56 3.85 -21.01
CA HIS B 235 -14.84 4.62 -22.02
C HIS B 235 -15.73 4.83 -23.23
N HIS B 236 -15.67 6.00 -23.85
CA HIS B 236 -16.49 6.25 -25.03
C HIS B 236 -15.62 6.40 -26.27
N HIS B 237 -16.15 6.90 -27.38
CA HIS B 237 -15.40 7.09 -28.62
C HIS B 237 -16.00 8.32 -29.35
N HIS B 238 -15.23 9.35 -29.66
CA HIS B 238 -15.84 10.49 -30.39
C HIS B 238 -15.61 10.38 -31.90
#